data_6EQ7
#
_entry.id   6EQ7
#
_cell.length_a   36.015
_cell.length_b   60.592
_cell.length_c   66.336
_cell.angle_alpha   90.00
_cell.angle_beta   90.00
_cell.angle_gamma   90.00
#
_symmetry.space_group_name_H-M   'P 2 21 21'
#
loop_
_entity.id
_entity.type
_entity.pdbx_description
1 polymer '7,8-dihydro-8-oxoguanine triphosphatase'
2 non-polymer 7-(3-fluoranylpyridin-4-yl)-1~{H}-imidazo[4,5-b]pyridin-2-amine
3 non-polymer 'SULFATE ION'
4 water water
#
_entity_poly.entity_id   1
_entity_poly.type   'polypeptide(L)'
_entity_poly.pdbx_seq_one_letter_code
;MKHHHHHHPMSDYDIPTTENLYFQGAMGASRLYTLVLVLQPQRVLLGMKKRGFGAGRWNGFGGKVQEGETIEDGARRELQ
EESGLTVDALHKVGQIVFEFVGEPELMDVHVFCTDSIQGTPVESDEMRPCWFQLDQIPFKDMWPDDSYWFPLLLQKKKFH
GYFKFQGQDTILDYTLREVDTV
;
_entity_poly.pdbx_strand_id   A
#
loop_
_chem_comp.id
_chem_comp.type
_chem_comp.name
_chem_comp.formula
BS8 non-polymer 7-(3-fluoranylpyridin-4-yl)-1~{H}-imidazo[4,5-b]pyridin-2-amine 'C11 H8 F N5'
SO4 non-polymer 'SULFATE ION' 'O4 S -2'
#
# COMPACT_ATOMS: atom_id res chain seq x y z
N ALA A 29 -15.75 -4.94 -13.39
CA ALA A 29 -14.45 -4.76 -14.05
C ALA A 29 -13.42 -4.23 -13.05
N SER A 30 -12.77 -5.13 -12.33
CA SER A 30 -11.77 -4.74 -11.34
C SER A 30 -10.62 -5.74 -11.33
N ARG A 31 -9.45 -5.25 -10.97
CA ARG A 31 -8.20 -6.02 -10.96
C ARG A 31 -7.66 -6.01 -9.54
N LEU A 32 -7.26 -7.19 -9.05
CA LEU A 32 -6.80 -7.33 -7.68
C LEU A 32 -5.34 -6.90 -7.51
N TYR A 33 -5.09 -6.12 -6.47
CA TYR A 33 -3.74 -5.73 -6.06
C TYR A 33 -3.62 -5.92 -4.56
N THR A 34 -2.38 -6.03 -4.10
CA THR A 34 -2.07 -6.05 -2.68
C THR A 34 -1.19 -4.86 -2.33
N LEU A 35 -1.22 -4.50 -1.05
CA LEU A 35 -0.33 -3.46 -0.53
C LEU A 35 0.01 -3.83 0.91
N VAL A 36 1.30 -3.90 1.23
CA VAL A 36 1.75 -4.27 2.57
C VAL A 36 2.49 -3.09 3.19
N LEU A 37 2.10 -2.72 4.41
CA LEU A 37 2.80 -1.74 5.21
C LEU A 37 3.47 -2.43 6.40
N VAL A 38 4.79 -2.33 6.49
CA VAL A 38 5.53 -2.79 7.65
C VAL A 38 5.48 -1.68 8.69
N LEU A 39 4.64 -1.86 9.70
CA LEU A 39 4.29 -0.80 10.64
C LEU A 39 4.68 -1.29 12.03
N GLN A 40 5.69 -0.64 12.60
CA GLN A 40 6.24 -0.94 13.91
C GLN A 40 5.85 0.17 14.87
N PRO A 41 6.05 -0.02 16.18
CA PRO A 41 5.46 0.95 17.14
C PRO A 41 5.79 2.41 16.88
N GLN A 42 6.99 2.73 16.41
CA GLN A 42 7.37 4.13 16.21
C GLN A 42 7.87 4.44 14.81
N ARG A 43 7.78 3.52 13.86
CA ARG A 43 8.29 3.77 12.52
C ARG A 43 7.55 2.87 11.53
N VAL A 44 7.53 3.33 10.26
CA VAL A 44 6.91 2.60 9.16
C VAL A 44 7.89 2.55 8.00
N LEU A 45 7.94 1.42 7.30
CA LEU A 45 8.83 1.26 6.15
C LEU A 45 8.09 1.64 4.88
N LEU A 46 8.68 2.52 4.09
CA LEU A 46 8.13 2.85 2.78
C LEU A 46 9.22 2.69 1.73
N GLY A 47 8.81 2.51 0.49
CA GLY A 47 9.74 2.40 -0.63
C GLY A 47 9.42 3.42 -1.70
N MET A 48 10.47 4.05 -2.20
CA MET A 48 10.36 5.00 -3.31
C MET A 48 10.47 4.21 -4.60
N LYS A 49 9.38 4.17 -5.37
CA LYS A 49 9.38 3.42 -6.62
C LYS A 49 10.14 4.19 -7.70
N LYS A 50 11.01 3.49 -8.42
CA LYS A 50 11.89 4.18 -9.35
C LYS A 50 11.33 4.30 -10.76
N ARG A 51 10.56 3.31 -11.22
CA ARG A 51 10.04 3.32 -12.58
C ARG A 51 8.64 2.71 -12.58
N GLY A 52 7.94 2.88 -13.69
CA GLY A 52 6.64 2.26 -13.84
C GLY A 52 5.54 3.04 -13.15
N PHE A 53 4.41 2.36 -12.94
CA PHE A 53 3.24 3.00 -12.37
C PHE A 53 3.48 3.36 -10.91
N GLY A 54 3.25 4.62 -10.57
CA GLY A 54 3.49 5.09 -9.22
C GLY A 54 4.90 5.56 -8.95
N ALA A 55 5.77 5.58 -9.95
CA ALA A 55 7.15 5.99 -9.73
C ALA A 55 7.20 7.39 -9.15
N GLY A 56 8.18 7.62 -8.27
CA GLY A 56 8.38 8.92 -7.67
C GLY A 56 7.63 9.14 -6.39
N ARG A 57 6.83 8.19 -5.95
CA ARG A 57 6.07 8.31 -4.72
C ARG A 57 6.51 7.22 -3.75
N TRP A 58 6.57 7.59 -2.47
CA TRP A 58 6.75 6.60 -1.41
C TRP A 58 5.48 5.78 -1.28
N ASN A 59 5.64 4.49 -1.01
CA ASN A 59 4.50 3.59 -0.92
C ASN A 59 4.90 2.36 -0.11
N GLY A 60 3.88 1.57 0.25
CA GLY A 60 4.15 0.23 0.71
C GLY A 60 4.54 -0.66 -0.45
N PHE A 61 4.55 -1.96 -0.18
CA PHE A 61 5.02 -2.96 -1.14
C PHE A 61 3.85 -3.81 -1.63
N GLY A 62 3.70 -3.92 -2.94
CA GLY A 62 2.53 -4.63 -3.43
C GLY A 62 2.54 -4.73 -4.93
N GLY A 63 1.44 -5.24 -5.46
CA GLY A 63 1.32 -5.41 -6.90
C GLY A 63 0.17 -6.35 -7.21
N LYS A 64 0.17 -6.84 -8.44
CA LYS A 64 -0.95 -7.61 -8.94
C LYS A 64 -0.94 -9.01 -8.36
N VAL A 65 -2.14 -9.52 -8.05
CA VAL A 65 -2.29 -10.90 -7.57
C VAL A 65 -2.33 -11.84 -8.76
N GLN A 66 -1.73 -13.01 -8.63
CA GLN A 66 -1.55 -13.92 -9.74
C GLN A 66 -2.64 -15.00 -9.78
N GLU A 67 -2.71 -15.67 -10.92
CA GLU A 67 -3.65 -16.77 -11.08
C GLU A 67 -3.31 -17.91 -10.14
N GLY A 68 -4.33 -18.44 -9.45
CA GLY A 68 -4.11 -19.54 -8.54
C GLY A 68 -3.45 -19.20 -7.23
N GLU A 69 -3.35 -17.92 -6.91
CA GLU A 69 -2.71 -17.43 -5.71
C GLU A 69 -3.78 -16.75 -4.86
N THR A 70 -3.78 -17.02 -3.56
CA THR A 70 -4.63 -16.23 -2.67
C THR A 70 -4.09 -14.81 -2.58
N ILE A 71 -4.99 -13.90 -2.20
CA ILE A 71 -4.60 -12.51 -2.03
C ILE A 71 -3.49 -12.38 -0.98
N GLU A 72 -3.64 -13.08 0.14
CA GLU A 72 -2.61 -12.99 1.18
C GLU A 72 -1.28 -13.56 0.71
N ASP A 73 -1.31 -14.68 -0.02
CA ASP A 73 -0.05 -15.19 -0.56
C ASP A 73 0.57 -14.20 -1.53
N GLY A 74 -0.25 -13.54 -2.36
CA GLY A 74 0.26 -12.51 -3.25
C GLY A 74 0.88 -11.35 -2.48
N ALA A 75 0.24 -10.95 -1.38
CA ALA A 75 0.79 -9.86 -0.57
C ALA A 75 2.16 -10.23 -0.03
N ARG A 76 2.28 -11.46 0.50
N ARG A 76 2.29 -11.46 0.50
CA ARG A 76 3.57 -11.91 1.02
CA ARG A 76 3.58 -11.90 1.02
C ARG A 76 4.62 -11.99 -0.08
C ARG A 76 4.62 -11.98 -0.09
N ARG A 77 4.24 -12.51 -1.25
CA ARG A 77 5.20 -12.62 -2.36
C ARG A 77 5.70 -11.25 -2.80
N GLU A 78 4.78 -10.29 -2.96
CA GLU A 78 5.15 -8.95 -3.37
C GLU A 78 6.06 -8.27 -2.35
N LEU A 79 5.80 -8.47 -1.05
CA LEU A 79 6.71 -7.89 -0.05
C LEU A 79 8.13 -8.38 -0.27
N GLN A 80 8.30 -9.69 -0.52
CA GLN A 80 9.64 -10.22 -0.74
C GLN A 80 10.25 -9.69 -2.03
N GLU A 81 9.53 -9.82 -3.15
CA GLU A 81 10.03 -9.33 -4.43
C GLU A 81 10.51 -7.88 -4.34
N GLU A 82 9.74 -7.03 -3.66
CA GLU A 82 10.00 -5.60 -3.74
C GLU A 82 10.89 -5.08 -2.64
N SER A 83 10.90 -5.72 -1.47
CA SER A 83 11.63 -5.20 -0.32
C SER A 83 12.72 -6.13 0.19
N GLY A 84 12.72 -7.39 -0.19
CA GLY A 84 13.67 -8.35 0.34
C GLY A 84 13.30 -8.93 1.67
N LEU A 85 12.14 -8.58 2.21
CA LEU A 85 11.74 -8.98 3.56
C LEU A 85 10.81 -10.18 3.52
N THR A 86 10.93 -11.01 4.56
CA THR A 86 10.05 -12.13 4.79
C THR A 86 9.12 -11.79 5.95
N VAL A 87 7.82 -11.97 5.77
CA VAL A 87 6.81 -11.56 6.74
C VAL A 87 6.24 -12.77 7.46
N ASP A 88 5.99 -12.61 8.77
CA ASP A 88 5.40 -13.63 9.64
C ASP A 88 3.99 -13.20 9.99
N ALA A 89 3.00 -13.71 9.23
CA ALA A 89 1.59 -13.41 9.43
C ALA A 89 1.22 -11.97 9.04
N LEU A 90 0.31 -11.83 8.10
CA LEU A 90 -0.17 -10.53 7.65
C LEU A 90 -1.55 -10.29 8.22
N HIS A 91 -1.83 -9.05 8.60
CA HIS A 91 -3.14 -8.65 9.10
C HIS A 91 -3.87 -7.81 8.07
N LYS A 92 -5.11 -8.18 7.77
CA LYS A 92 -5.92 -7.39 6.86
C LYS A 92 -6.28 -6.08 7.55
N VAL A 93 -6.02 -4.96 6.87
CA VAL A 93 -6.39 -3.67 7.44
C VAL A 93 -7.33 -2.87 6.56
N GLY A 94 -7.37 -3.08 5.25
CA GLY A 94 -8.32 -2.30 4.48
C GLY A 94 -8.50 -2.81 3.08
N GLN A 95 -9.47 -2.21 2.40
CA GLN A 95 -9.67 -2.43 0.98
C GLN A 95 -9.94 -1.06 0.39
N ILE A 96 -9.23 -0.71 -0.67
CA ILE A 96 -9.44 0.56 -1.35
C ILE A 96 -9.65 0.25 -2.82
N VAL A 97 -10.74 0.76 -3.38
CA VAL A 97 -11.01 0.65 -4.81
C VAL A 97 -10.67 1.98 -5.45
N PHE A 98 -9.82 1.95 -6.48
CA PHE A 98 -9.45 3.15 -7.21
C PHE A 98 -10.07 3.13 -8.59
N GLU A 99 -10.71 4.23 -8.95
CA GLU A 99 -11.16 4.48 -10.31
C GLU A 99 -10.30 5.61 -10.88
N PHE A 100 -9.75 5.41 -12.06
CA PHE A 100 -9.13 6.48 -12.84
C PHE A 100 -10.05 6.79 -14.00
N VAL A 101 -10.61 8.00 -14.05
CA VAL A 101 -11.56 8.32 -15.10
C VAL A 101 -10.92 8.07 -16.46
N GLY A 102 -11.69 7.44 -17.35
CA GLY A 102 -11.19 7.10 -18.66
C GLY A 102 -10.46 5.78 -18.76
N GLU A 103 -10.28 5.07 -17.64
CA GLU A 103 -9.70 3.73 -17.64
C GLU A 103 -10.75 2.72 -17.22
N PRO A 104 -10.95 1.64 -17.97
CA PRO A 104 -12.07 0.74 -17.67
C PRO A 104 -11.89 -0.07 -16.39
N GLU A 105 -10.67 -0.44 -16.03
CA GLU A 105 -10.49 -1.36 -14.91
C GLU A 105 -10.35 -0.60 -13.61
N LEU A 106 -11.20 -0.92 -12.64
CA LEU A 106 -10.98 -0.44 -11.29
C LEU A 106 -9.85 -1.25 -10.66
N MET A 107 -9.13 -0.62 -9.74
CA MET A 107 -8.04 -1.28 -9.02
C MET A 107 -8.52 -1.58 -7.61
N ASP A 108 -8.64 -2.86 -7.28
CA ASP A 108 -9.16 -3.32 -5.99
C ASP A 108 -7.97 -3.70 -5.13
N VAL A 109 -7.56 -2.78 -4.24
CA VAL A 109 -6.31 -2.91 -3.49
C VAL A 109 -6.63 -3.44 -2.10
N HIS A 110 -6.08 -4.60 -1.77
CA HIS A 110 -6.22 -5.19 -0.44
C HIS A 110 -4.98 -4.85 0.38
N VAL A 111 -5.21 -4.11 1.47
CA VAL A 111 -4.13 -3.54 2.28
C VAL A 111 -3.91 -4.39 3.51
N PHE A 112 -2.65 -4.67 3.80
CA PHE A 112 -2.25 -5.48 4.94
C PHE A 112 -1.17 -4.76 5.72
N CYS A 113 -1.08 -5.09 7.02
CA CYS A 113 0.00 -4.62 7.88
CA CYS A 113 0.05 -4.63 7.80
C CYS A 113 0.74 -5.79 8.51
N THR A 114 1.98 -5.55 8.88
CA THR A 114 2.73 -6.47 9.72
C THR A 114 3.69 -5.65 10.56
N ASP A 115 4.04 -6.17 11.74
CA ASP A 115 5.03 -5.53 12.60
C ASP A 115 6.28 -6.38 12.79
N SER A 116 6.32 -7.59 12.25
CA SER A 116 7.43 -8.52 12.46
CA SER A 116 7.43 -8.50 12.45
C SER A 116 7.91 -9.02 11.10
N ILE A 117 9.15 -8.71 10.76
CA ILE A 117 9.75 -9.09 9.49
C ILE A 117 11.10 -9.74 9.76
N GLN A 118 11.62 -10.41 8.74
CA GLN A 118 13.00 -10.89 8.73
C GLN A 118 13.69 -10.40 7.48
N GLY A 119 14.99 -10.12 7.61
CA GLY A 119 15.75 -9.54 6.53
C GLY A 119 15.97 -8.05 6.73
N THR A 120 16.86 -7.51 5.93
CA THR A 120 17.14 -6.08 5.90
C THR A 120 16.59 -5.52 4.61
N PRO A 121 15.88 -4.39 4.65
CA PRO A 121 15.34 -3.81 3.42
C PRO A 121 16.45 -3.59 2.40
N VAL A 122 16.19 -4.01 1.17
CA VAL A 122 17.18 -4.05 0.10
C VAL A 122 16.83 -2.96 -0.91
N GLU A 123 17.78 -2.08 -1.22
CA GLU A 123 17.59 -1.17 -2.35
C GLU A 123 17.93 -1.89 -3.65
N SER A 124 17.06 -1.73 -4.63
CA SER A 124 17.24 -2.33 -5.94
C SER A 124 17.00 -1.30 -7.03
N ASP A 125 17.10 -1.74 -8.28
N ASP A 125 17.10 -1.76 -8.28
CA ASP A 125 16.82 -0.80 -9.36
CA ASP A 125 16.80 -0.91 -9.43
C ASP A 125 15.35 -0.44 -9.47
C ASP A 125 15.36 -0.43 -9.44
N GLU A 126 14.47 -1.11 -8.72
CA GLU A 126 13.05 -0.78 -8.74
C GLU A 126 12.59 0.00 -7.52
N MET A 127 13.36 -0.02 -6.42
CA MET A 127 12.80 0.45 -5.16
CA MET A 127 12.80 0.41 -5.14
C MET A 127 13.90 0.90 -4.22
N ARG A 128 13.70 2.05 -3.58
CA ARG A 128 14.61 2.58 -2.56
C ARG A 128 13.87 2.63 -1.23
N PRO A 129 14.20 1.77 -0.27
CA PRO A 129 13.45 1.72 0.98
C PRO A 129 14.02 2.65 2.04
N CYS A 130 13.12 3.14 2.90
CA CYS A 130 13.54 3.95 4.02
CA CYS A 130 13.51 4.02 4.00
C CYS A 130 12.52 3.85 5.14
N TRP A 131 13.02 3.84 6.38
CA TRP A 131 12.17 3.85 7.56
C TRP A 131 11.79 5.30 7.89
N PHE A 132 10.56 5.51 8.33
CA PHE A 132 10.06 6.84 8.67
C PHE A 132 9.47 6.82 10.07
N GLN A 133 9.84 7.82 10.87
CA GLN A 133 9.10 8.02 12.10
C GLN A 133 7.66 8.40 11.78
N LEU A 134 6.74 8.01 12.67
CA LEU A 134 5.32 8.14 12.34
C LEU A 134 4.91 9.59 12.11
N ASP A 135 5.49 10.52 12.87
CA ASP A 135 5.18 11.93 12.66
C ASP A 135 5.80 12.51 11.40
N GLN A 136 6.65 11.76 10.71
CA GLN A 136 7.36 12.28 9.53
C GLN A 136 7.00 11.51 8.27
N ILE A 137 5.81 10.93 8.23
CA ILE A 137 5.40 10.24 7.00
C ILE A 137 5.30 11.26 5.87
N PRO A 138 5.91 10.99 4.71
CA PRO A 138 6.12 12.00 3.67
C PRO A 138 4.93 12.15 2.74
N PHE A 139 3.80 12.62 3.30
CA PHE A 139 2.55 12.65 2.55
C PHE A 139 2.63 13.48 1.27
N LYS A 140 3.43 14.55 1.26
CA LYS A 140 3.54 15.35 0.06
C LYS A 140 4.14 14.57 -1.10
N ASP A 141 4.89 13.52 -0.81
CA ASP A 141 5.53 12.69 -1.82
C ASP A 141 4.91 11.30 -1.88
N MET A 142 3.64 11.20 -1.53
CA MET A 142 2.86 9.98 -1.63
C MET A 142 1.62 10.25 -2.46
N TRP A 143 0.94 9.18 -2.85
CA TRP A 143 -0.34 9.35 -3.51
C TRP A 143 -1.26 10.16 -2.59
N PRO A 144 -2.08 11.05 -3.15
CA PRO A 144 -2.85 11.97 -2.29
C PRO A 144 -3.90 11.29 -1.41
N ASP A 145 -4.45 10.15 -1.82
CA ASP A 145 -5.44 9.50 -0.98
C ASP A 145 -4.83 8.98 0.31
N ASP A 146 -3.51 8.75 0.34
CA ASP A 146 -2.89 8.17 1.53
C ASP A 146 -3.07 9.07 2.74
N SER A 147 -3.15 10.38 2.54
CA SER A 147 -3.35 11.30 3.67
CA SER A 147 -3.32 11.22 3.72
C SER A 147 -4.67 11.02 4.38
N TYR A 148 -5.65 10.46 3.67
CA TYR A 148 -6.95 10.14 4.24
C TYR A 148 -6.92 8.85 5.06
N TRP A 149 -6.34 7.77 4.53
CA TRP A 149 -6.46 6.48 5.20
C TRP A 149 -5.23 6.05 5.98
N PHE A 150 -4.04 6.56 5.66
CA PHE A 150 -2.87 6.22 6.45
C PHE A 150 -3.07 6.54 7.92
N PRO A 151 -3.67 7.68 8.30
CA PRO A 151 -3.91 7.91 9.73
C PRO A 151 -4.82 6.88 10.40
N LEU A 152 -5.74 6.25 9.66
CA LEU A 152 -6.53 5.18 10.25
C LEU A 152 -5.66 3.95 10.50
N LEU A 153 -4.82 3.62 9.52
CA LEU A 153 -3.90 2.49 9.69
C LEU A 153 -2.99 2.69 10.91
N LEU A 154 -2.53 3.93 11.14
CA LEU A 154 -1.65 4.22 12.28
C LEU A 154 -2.36 4.04 13.61
N GLN A 155 -3.66 4.30 13.66
CA GLN A 155 -4.46 4.14 14.87
C GLN A 155 -5.13 2.78 14.95
N LYS A 156 -4.67 1.83 14.12
CA LYS A 156 -5.11 0.43 14.17
C LYS A 156 -6.59 0.27 13.82
N LYS A 157 -7.07 1.11 12.91
CA LYS A 157 -8.45 1.05 12.43
C LYS A 157 -8.45 0.37 11.07
N LYS A 158 -9.55 -0.31 10.76
CA LYS A 158 -9.73 -0.98 9.48
C LYS A 158 -10.73 -0.18 8.65
N PHE A 159 -10.62 -0.28 7.33
CA PHE A 159 -11.40 0.64 6.50
C PHE A 159 -11.73 0.04 5.13
N HIS A 160 -12.78 0.59 4.53
CA HIS A 160 -13.13 0.40 3.13
C HIS A 160 -13.14 1.77 2.49
N GLY A 161 -12.41 1.94 1.40
CA GLY A 161 -12.33 3.22 0.73
C GLY A 161 -12.57 3.07 -0.76
N TYR A 162 -12.98 4.18 -1.36
N TYR A 162 -12.97 4.18 -1.38
CA TYR A 162 -13.11 4.32 -2.79
CA TYR A 162 -13.12 4.29 -2.83
C TYR A 162 -12.59 5.70 -3.16
C TYR A 162 -12.68 5.69 -3.23
N PHE A 163 -11.74 5.79 -4.17
CA PHE A 163 -11.22 7.08 -4.61
C PHE A 163 -11.30 7.17 -6.12
N LYS A 164 -11.95 8.21 -6.61
CA LYS A 164 -12.06 8.50 -8.04
C LYS A 164 -11.04 9.58 -8.37
N PHE A 165 -10.07 9.24 -9.23
CA PHE A 165 -8.99 10.12 -9.63
C PHE A 165 -9.21 10.61 -11.06
N GLN A 166 -8.74 11.83 -11.33
CA GLN A 166 -8.51 12.29 -12.70
C GLN A 166 -7.00 12.49 -12.82
N GLY A 167 -6.37 11.67 -13.67
CA GLY A 167 -4.93 11.66 -13.64
C GLY A 167 -4.46 11.06 -12.33
N GLN A 168 -3.23 11.38 -11.96
CA GLN A 168 -2.64 10.78 -10.77
C GLN A 168 -2.57 11.73 -9.59
N ASP A 169 -3.04 12.98 -9.72
CA ASP A 169 -2.91 13.96 -8.65
C ASP A 169 -4.22 14.47 -8.09
N THR A 170 -5.34 14.31 -8.79
CA THR A 170 -6.58 14.95 -8.42
C THR A 170 -7.60 13.91 -7.98
N ILE A 171 -8.08 14.03 -6.75
CA ILE A 171 -9.18 13.22 -6.26
C ILE A 171 -10.47 13.97 -6.58
N LEU A 172 -11.29 13.40 -7.48
CA LEU A 172 -12.57 14.02 -7.84
C LEU A 172 -13.62 13.80 -6.75
N ASP A 173 -13.69 12.59 -6.21
N ASP A 173 -13.71 12.56 -6.25
CA ASP A 173 -14.54 12.31 -5.07
CA ASP A 173 -14.63 12.19 -5.19
C ASP A 173 -14.08 11.00 -4.46
C ASP A 173 -14.01 11.03 -4.42
N TYR A 174 -14.54 10.76 -3.24
CA TYR A 174 -14.10 9.59 -2.51
C TYR A 174 -15.12 9.24 -1.44
N THR A 175 -15.03 8.00 -0.98
CA THR A 175 -15.68 7.57 0.25
C THR A 175 -14.67 6.82 1.09
N LEU A 176 -14.79 6.94 2.41
CA LEU A 176 -13.87 6.24 3.30
C LEU A 176 -14.57 5.99 4.61
N ARG A 177 -14.73 4.72 4.97
CA ARG A 177 -15.44 4.40 6.20
C ARG A 177 -14.70 3.31 6.95
N GLU A 178 -14.70 3.43 8.27
CA GLU A 178 -14.13 2.40 9.11
C GLU A 178 -15.07 1.20 9.20
N VAL A 179 -14.46 0.02 9.30
CA VAL A 179 -15.19 -1.25 9.33
C VAL A 179 -14.57 -2.13 10.39
N ASP A 180 -15.36 -3.11 10.85
CA ASP A 180 -14.85 -4.12 11.77
C ASP A 180 -14.32 -5.35 11.05
N THR A 181 -14.79 -5.62 9.84
CA THR A 181 -14.35 -6.76 9.05
C THR A 181 -13.95 -6.25 7.69
N VAL A 182 -12.70 -6.47 7.32
CA VAL A 182 -12.21 -6.02 6.03
C VAL A 182 -12.83 -6.86 4.92
C10 BS8 B . -2.00 0.21 -7.79
C10 BS8 B . -0.06 0.92 -7.39
C13 BS8 B . -3.31 4.22 -6.64
C13 BS8 B . -3.33 4.25 -6.57
C02 BS8 B . -1.26 3.93 -2.62
C02 BS8 B . -1.26 3.97 -2.57
C04 BS8 B . -2.05 3.74 -4.65
C04 BS8 B . -2.04 3.76 -4.60
C05 BS8 B . -2.39 3.39 -5.99
C05 BS8 B . -2.42 3.39 -5.94
C06 BS8 B . -1.84 2.29 -6.63
C06 BS8 B . -1.90 2.26 -6.61
C07 BS8 B . -0.47 2.19 -6.76
C07 BS8 B . -2.75 1.32 -7.17
C08 BS8 B . 0.08 1.10 -7.41
C08 BS8 B . -2.20 0.22 -7.83
C11 BS8 B . -2.63 1.28 -7.16
C11 BS8 B . -0.52 2.04 -6.72
C14 BS8 B . -3.86 5.33 -5.99
C14 BS8 B . -3.84 5.37 -5.92
C16 BS8 B . -2.60 4.85 -4.05
C16 BS8 B . -2.58 4.89 -4.00
F12 BS8 B . -3.99 1.31 -7.07
F12 BS8 B . 0.40 2.92 -6.19
N01 BS8 B . -0.51 3.67 -1.41
N01 BS8 B . -0.51 3.72 -1.37
N03 BS8 B . -1.21 3.20 -3.72
N03 BS8 B . -1.22 3.21 -3.67
N09 BS8 B . -0.68 0.14 -7.90
N09 BS8 B . -0.90 0.04 -7.92
N15 BS8 B . -3.50 5.59 -4.75
N15 BS8 B . -3.46 5.66 -4.67
N17 BS8 B . -2.11 4.94 -2.78
N17 BS8 B . -2.08 4.99 -2.74
S SO4 C . -6.46 -10.63 10.43
O1 SO4 C . -7.90 -10.39 10.60
O2 SO4 C . -6.13 -12.00 10.78
O3 SO4 C . -5.70 -9.72 11.27
O4 SO4 C . -6.14 -10.41 9.01
#